data_5XD5
#
_entry.id   5XD5
#
_cell.length_a   50.050
_cell.length_b   64.440
_cell.length_c   103.040
_cell.angle_alpha   90.00
_cell.angle_beta   102.59
_cell.angle_gamma   90.00
#
_symmetry.space_group_name_H-M   'P 1 21 1'
#
loop_
_entity.id
_entity.type
_entity.pdbx_description
1 polymer 'Hydrolase, NUDIX family protein'
2 non-polymer "ADENOSINE-5'-TRIPHOSPHATE"
3 non-polymer 'PHOSPHATE ION'
4 non-polymer GLYCEROL
5 non-polymer 'MAGNESIUM ION'
6 non-polymer 'FLUORIDE ION'
7 non-polymer 'CHLORIDE ION'
8 water water
#
_entity_poly.entity_id   1
_entity_poly.type   'polypeptide(L)'
_entity_poly.pdbx_seq_one_letter_code
;MGSSHHHHHHSSGLVPRGSHMMPVDDLQEIPLSKDTTEKSKHTVRAAGAVLWRDASEHGGTTGHPATVEVAVIHRPRYDD
WSLPKGKLDQGETEPVAAAREIHEETGHTAVLGRRLGRVTYPIPQGTKRVWYWAAKSTGGDFSPNDEVDKLVWLPVDAAM
DQLQYPDDRKVLRRFVKRPVDTKTVLVVRHGTAGRRSRYKGDDRKRPLDKRGRAQAEALVAQLMAFGATTLYAADRVRCH
QTIEPLAQELDQLIHNEPLLTEEAYAADHKAARKRLLEIAGRPGNPVICTQGKVIPGLIEWWCERAKVRPETTGNRKGST
WVLSLSDGELVGADYLSPPDEK
;
_entity_poly.pdbx_strand_id   B,A
#
loop_
_chem_comp.id
_chem_comp.type
_chem_comp.name
_chem_comp.formula
ATP non-polymer ADENOSINE-5'-TRIPHOSPHATE 'C10 H16 N5 O13 P3'
CL non-polymer 'CHLORIDE ION' 'Cl -1'
F non-polymer 'FLUORIDE ION' 'F -1'
GOL non-polymer GLYCEROL 'C3 H8 O3'
MG non-polymer 'MAGNESIUM ION' 'Mg 2'
PO4 non-polymer 'PHOSPHATE ION' 'O4 P -3'
#
# COMPACT_ATOMS: atom_id res chain seq x y z
N HIS A 42 3.94 33.94 25.30
CA HIS A 42 3.29 33.48 24.04
C HIS A 42 2.89 32.00 24.20
N THR A 43 2.42 31.40 23.12
CA THR A 43 2.11 29.97 23.13
C THR A 43 3.05 29.20 22.20
N VAL A 44 3.74 28.22 22.81
CA VAL A 44 4.67 27.38 22.10
C VAL A 44 3.91 26.12 21.62
N ARG A 45 3.88 25.96 20.31
CA ARG A 45 3.24 24.81 19.65
C ARG A 45 4.19 23.59 19.60
N ALA A 46 3.70 22.44 20.08
CA ALA A 46 4.49 21.22 20.06
C ALA A 46 3.59 20.00 19.65
N ALA A 47 4.18 18.85 19.45
CA ALA A 47 3.37 17.64 19.13
C ALA A 47 4.15 16.43 19.52
N GLY A 48 3.45 15.38 19.84
CA GLY A 48 4.09 14.16 20.28
C GLY A 48 3.20 12.95 20.14
N ALA A 49 3.58 11.90 20.83
CA ALA A 49 2.90 10.60 20.71
C ALA A 49 3.00 9.71 21.88
N VAL A 50 2.00 8.83 22.01
CA VAL A 50 2.14 7.58 22.68
C VAL A 50 2.62 6.56 21.65
N LEU A 51 3.91 6.32 21.65
CA LEU A 51 4.56 5.32 20.84
C LEU A 51 4.39 3.98 21.46
N TRP A 52 3.86 3.06 20.69
CA TRP A 52 3.57 1.76 21.24
C TRP A 52 4.01 0.63 20.31
N ARG A 53 4.04 -0.56 20.85
CA ARG A 53 4.38 -1.75 20.08
C ARG A 53 3.66 -2.94 20.73
N ASP A 54 3.59 -4.03 20.00
CA ASP A 54 2.94 -5.23 20.51
C ASP A 54 3.87 -5.90 21.53
N ALA A 55 3.36 -6.20 22.71
CA ALA A 55 4.07 -7.03 23.66
C ALA A 55 3.80 -8.50 23.32
N THR A 67 -2.02 -6.14 25.61
CA THR A 67 -0.82 -6.67 24.98
C THR A 67 0.12 -5.57 24.48
N VAL A 68 -0.23 -4.29 24.63
CA VAL A 68 0.63 -3.26 24.05
C VAL A 68 1.64 -2.85 25.13
N GLU A 69 2.81 -2.39 24.70
CA GLU A 69 3.76 -1.70 25.56
C GLU A 69 3.88 -0.31 24.98
N VAL A 70 4.07 0.67 25.85
CA VAL A 70 4.33 2.01 25.41
C VAL A 70 5.68 2.55 25.91
N ALA A 71 6.26 3.43 25.12
CA ALA A 71 7.55 4.00 25.39
C ALA A 71 7.48 5.19 26.33
N VAL A 72 8.33 5.17 27.37
CA VAL A 72 8.43 6.32 28.29
C VAL A 72 9.91 6.75 28.30
N ILE A 73 10.14 8.04 28.06
CA ILE A 73 11.47 8.59 27.86
C ILE A 73 11.93 9.33 29.10
N HIS A 74 13.22 9.21 29.39
CA HIS A 74 13.87 10.03 30.43
C HIS A 74 14.78 11.07 29.87
N ARG A 75 14.65 12.29 30.39
CA ARG A 75 15.46 13.41 29.96
C ARG A 75 16.26 13.98 31.11
N PRO A 76 17.59 14.04 30.92
CA PRO A 76 18.37 14.67 32.00
C PRO A 76 18.10 16.17 32.24
N ARG A 77 17.66 16.95 31.25
CA ARG A 77 17.46 18.36 31.51
C ARG A 77 16.51 18.63 32.66
N TYR A 78 15.48 17.79 32.85
CA TYR A 78 14.56 17.91 34.01
C TYR A 78 14.52 16.72 34.89
N ASP A 79 15.36 15.72 34.63
CA ASP A 79 15.30 14.42 35.25
C ASP A 79 13.88 13.89 35.25
N ASP A 80 13.22 14.00 34.10
CA ASP A 80 11.79 13.62 33.99
C ASP A 80 11.52 12.39 33.12
N TRP A 81 10.38 11.78 33.36
CA TRP A 81 9.87 10.65 32.59
C TRP A 81 8.57 11.11 31.96
N SER A 82 8.49 11.01 30.64
CA SER A 82 7.42 11.67 29.90
C SER A 82 7.23 10.92 28.56
N LEU A 83 6.31 11.44 27.77
CA LEU A 83 6.04 10.95 26.41
C LEU A 83 6.87 11.74 25.45
N PRO A 84 7.34 11.07 24.37
CA PRO A 84 8.07 11.79 23.32
C PRO A 84 7.26 12.87 22.62
N LYS A 85 7.80 14.07 22.54
CA LYS A 85 7.15 15.23 21.98
C LYS A 85 8.15 16.32 21.78
N GLY A 86 7.87 17.24 20.91
CA GLY A 86 8.71 18.43 20.81
C GLY A 86 8.12 19.52 19.97
N LYS A 87 8.87 20.59 19.83
CA LYS A 87 8.34 21.80 19.18
C LYS A 87 8.22 21.67 17.66
N LEU A 88 7.16 22.26 17.13
CA LEU A 88 7.06 22.43 15.72
C LEU A 88 8.14 23.37 15.24
N ASP A 89 8.83 22.96 14.21
CA ASP A 89 9.76 23.81 13.53
C ASP A 89 8.97 24.73 12.60
N GLN A 90 9.66 25.74 12.09
CA GLN A 90 9.14 26.62 11.05
C GLN A 90 8.41 25.92 9.91
N GLY A 91 7.14 26.30 9.72
CA GLY A 91 6.34 25.76 8.63
C GLY A 91 5.97 24.28 8.75
N GLU A 92 6.19 23.67 9.90
CA GLU A 92 5.83 22.25 10.06
C GLU A 92 4.41 22.16 10.55
N THR A 93 3.70 21.11 10.15
CA THR A 93 2.41 20.76 10.77
C THR A 93 2.59 19.89 12.02
N GLU A 94 1.56 19.81 12.88
CA GLU A 94 1.68 19.00 14.08
C GLU A 94 2.06 17.53 13.81
N PRO A 95 1.38 16.86 12.86
CA PRO A 95 1.78 15.46 12.69
C PRO A 95 3.18 15.27 12.18
N VAL A 96 3.65 16.19 11.34
CA VAL A 96 5.01 16.04 10.81
C VAL A 96 6.02 16.19 11.98
N ALA A 97 5.75 17.13 12.85
CA ALA A 97 6.61 17.34 14.05
C ALA A 97 6.56 16.14 14.94
N ALA A 98 5.38 15.54 15.17
CA ALA A 98 5.31 14.38 16.08
C ALA A 98 6.14 13.21 15.56
N ALA A 99 6.05 12.90 14.26
CA ALA A 99 6.79 11.78 13.66
C ALA A 99 8.29 12.04 13.71
N ARG A 100 8.66 13.29 13.49
CA ARG A 100 10.05 13.64 13.52
C ARG A 100 10.60 13.50 14.92
N GLU A 101 9.90 14.09 15.88
CA GLU A 101 10.33 14.05 17.28
C GLU A 101 10.41 12.64 17.79
N ILE A 102 9.43 11.77 17.45
CA ILE A 102 9.51 10.37 17.85
C ILE A 102 10.86 9.80 17.42
N HIS A 103 11.19 9.99 16.17
CA HIS A 103 12.45 9.39 15.67
C HIS A 103 13.71 9.98 16.36
N GLU A 104 13.72 11.29 16.57
CA GLU A 104 14.84 11.97 17.18
C GLU A 104 15.01 11.50 18.62
N GLU A 105 13.89 11.35 19.34
CA GLU A 105 13.94 11.11 20.78
C GLU A 105 14.05 9.61 21.13
N THR A 106 13.51 8.74 20.29
CA THR A 106 13.40 7.30 20.65
C THR A 106 14.26 6.37 19.77
N GLY A 107 14.63 6.90 18.62
CA GLY A 107 15.32 6.08 17.62
C GLY A 107 14.39 5.30 16.74
N HIS A 108 13.07 5.31 17.00
CA HIS A 108 12.12 4.48 16.29
C HIS A 108 11.50 5.25 15.17
N THR A 109 11.26 4.53 14.08
CA THR A 109 10.36 5.00 13.07
C THR A 109 8.96 4.60 13.52
N ALA A 110 7.95 5.39 13.13
CA ALA A 110 6.60 5.08 13.55
C ALA A 110 5.59 5.54 12.54
N VAL A 111 4.39 5.04 12.64
CA VAL A 111 3.27 5.51 11.90
C VAL A 111 2.16 6.02 12.83
N LEU A 112 1.76 7.26 12.64
CA LEU A 112 0.72 7.90 13.47
C LEU A 112 -0.59 7.34 13.07
N GLY A 113 -1.48 7.20 14.05
CA GLY A 113 -2.85 6.70 13.85
C GLY A 113 -3.80 7.75 14.38
N ARG A 114 -4.66 7.35 15.33
CA ARG A 114 -5.66 8.23 15.88
C ARG A 114 -5.03 9.38 16.70
N ARG A 115 -5.63 10.52 16.61
CA ARG A 115 -5.24 11.69 17.40
C ARG A 115 -5.77 11.55 18.82
N LEU A 116 -4.99 11.96 19.81
CA LEU A 116 -5.35 11.86 21.21
C LEU A 116 -5.53 13.21 21.88
N GLY A 117 -6.08 14.18 21.15
CA GLY A 117 -6.28 15.46 21.69
C GLY A 117 -5.03 16.27 22.01
N ARG A 118 -5.25 17.30 22.80
CA ARG A 118 -4.29 18.35 23.05
C ARG A 118 -4.16 18.60 24.56
N VAL A 119 -3.02 19.13 24.97
CA VAL A 119 -2.85 19.49 26.34
C VAL A 119 -2.23 20.86 26.33
N THR A 120 -2.41 21.60 27.44
CA THR A 120 -1.74 22.88 27.59
C THR A 120 -1.25 22.94 29.03
N TYR A 121 -0.03 23.41 29.19
CA TYR A 121 0.51 23.64 30.51
C TYR A 121 1.44 24.86 30.52
N PRO A 122 1.54 25.50 31.70
CA PRO A 122 2.39 26.67 31.83
C PRO A 122 3.85 26.32 31.74
N ILE A 123 4.58 27.19 31.09
CA ILE A 123 6.04 27.11 31.06
C ILE A 123 6.59 28.54 31.35
N PRO A 124 7.88 28.65 31.66
CA PRO A 124 8.47 29.98 31.93
C PRO A 124 8.07 31.04 30.90
N GLN A 125 8.03 30.66 29.64
CA GLN A 125 7.72 31.56 28.54
C GLN A 125 6.22 31.87 28.42
N GLY A 126 5.36 31.17 29.16
CA GLY A 126 3.91 31.32 29.00
C GLY A 126 3.26 29.95 28.97
N THR A 127 2.78 29.54 27.78
CA THR A 127 1.90 28.34 27.62
C THR A 127 2.47 27.35 26.59
N LYS A 128 2.51 26.07 26.97
CA LYS A 128 2.95 25.00 26.06
C LYS A 128 1.68 24.28 25.59
N ARG A 129 1.53 24.13 24.26
CA ARG A 129 0.36 23.45 23.66
C ARG A 129 0.85 22.28 22.83
N VAL A 130 0.39 21.10 23.17
CA VAL A 130 0.95 19.87 22.56
C VAL A 130 -0.23 19.04 22.06
N TRP A 131 -0.24 18.73 20.76
CA TRP A 131 -1.14 17.70 20.23
C TRP A 131 -0.46 16.37 20.19
N TYR A 132 -1.23 15.34 20.47
CA TYR A 132 -0.70 14.03 20.62
C TYR A 132 -1.37 13.02 19.68
N TRP A 133 -0.61 12.03 19.25
CA TRP A 133 -1.08 10.90 18.47
C TRP A 133 -0.71 9.59 19.08
N ALA A 134 -1.56 8.57 18.85
CA ALA A 134 -1.09 7.20 18.94
C ALA A 134 -0.17 6.91 17.79
N ALA A 135 0.93 6.23 18.06
CA ALA A 135 1.92 5.93 17.00
C ALA A 135 2.50 4.56 17.18
N LYS A 136 2.32 3.70 16.18
CA LYS A 136 2.90 2.39 16.24
C LYS A 136 4.37 2.39 15.75
N SER A 137 5.30 1.88 16.56
CA SER A 137 6.64 1.73 16.15
C SER A 137 6.74 0.79 14.95
N THR A 138 7.55 1.17 13.99
CA THR A 138 7.76 0.32 12.81
C THR A 138 9.22 -0.14 12.78
N GLY A 139 9.93 0.01 13.88
CA GLY A 139 11.31 -0.44 13.95
C GLY A 139 12.25 0.61 14.48
N GLY A 140 13.52 0.23 14.60
CA GLY A 140 14.55 1.09 15.14
C GLY A 140 14.87 0.57 16.52
N ASP A 141 15.96 1.11 17.07
CA ASP A 141 16.39 0.88 18.44
C ASP A 141 16.74 2.22 19.05
N PHE A 142 16.49 2.33 20.36
CA PHE A 142 16.87 3.48 21.09
C PHE A 142 18.38 3.54 21.24
N SER A 143 18.94 4.73 21.15
CA SER A 143 20.23 4.98 21.75
C SER A 143 20.28 6.41 22.29
N PRO A 144 21.03 6.60 23.37
CA PRO A 144 21.01 7.90 24.02
C PRO A 144 21.29 9.00 23.03
N ASN A 145 20.66 10.16 23.21
CA ASN A 145 20.76 11.22 22.25
C ASN A 145 20.80 12.58 22.95
N ASP A 146 20.79 13.66 22.18
CA ASP A 146 20.97 14.96 22.77
C ASP A 146 19.92 15.31 23.85
N GLU A 147 18.71 14.76 23.70
CA GLU A 147 17.60 15.09 24.63
C GLU A 147 17.27 13.98 25.62
N VAL A 148 17.35 12.75 25.19
CA VAL A 148 16.89 11.60 25.96
C VAL A 148 18.05 10.68 26.23
N ASP A 149 18.20 10.30 27.50
CA ASP A 149 19.23 9.30 27.86
C ASP A 149 18.79 7.86 28.13
N LYS A 150 17.50 7.64 28.38
CA LYS A 150 16.96 6.32 28.59
C LYS A 150 15.55 6.21 28.07
N LEU A 151 15.16 4.99 27.69
CA LEU A 151 13.83 4.74 27.22
C LEU A 151 13.42 3.43 27.84
N VAL A 152 12.19 3.34 28.36
CA VAL A 152 11.64 2.06 28.79
C VAL A 152 10.32 1.74 28.13
N TRP A 153 10.13 0.47 27.84
CA TRP A 153 8.85 -0.02 27.30
C TRP A 153 8.03 -0.65 28.43
N LEU A 154 6.83 -0.19 28.63
CA LEU A 154 6.02 -0.65 29.71
C LEU A 154 4.56 -0.95 29.31
N PRO A 155 3.95 -1.93 29.97
CA PRO A 155 2.53 -2.04 29.81
C PRO A 155 1.84 -0.81 30.38
N VAL A 156 0.61 -0.60 29.93
CA VAL A 156 -0.04 0.66 30.17
C VAL A 156 -0.17 1.01 31.66
N ASP A 157 -0.46 0.00 32.47
N ASP A 157 -0.46 0.03 32.50
CA ASP A 157 -0.61 0.18 33.91
CA ASP A 157 -0.63 0.36 33.92
C ASP A 157 0.66 0.74 34.53
C ASP A 157 0.69 0.77 34.57
N ALA A 158 1.79 0.13 34.18
CA ALA A 158 3.11 0.52 34.67
C ALA A 158 3.58 1.87 34.07
N ALA A 159 3.19 2.12 32.81
CA ALA A 159 3.44 3.44 32.23
C ALA A 159 2.74 4.55 32.98
N MET A 160 1.49 4.29 33.38
CA MET A 160 0.76 5.33 34.11
C MET A 160 1.50 5.71 35.41
N ASP A 161 2.10 4.71 36.03
CA ASP A 161 2.95 4.90 37.24
C ASP A 161 4.20 5.69 36.91
N GLN A 162 4.81 5.36 35.78
CA GLN A 162 6.14 5.96 35.42
C GLN A 162 6.02 7.43 34.97
N LEU A 163 4.93 7.74 34.27
CA LEU A 163 4.66 9.07 33.80
C LEU A 163 4.35 10.01 34.97
N GLN A 164 5.23 10.96 35.20
CA GLN A 164 5.09 11.88 36.30
C GLN A 164 4.20 13.09 36.02
N TYR A 165 3.89 13.40 34.77
CA TYR A 165 3.10 14.59 34.53
C TYR A 165 1.63 14.21 34.38
N PRO A 166 0.73 14.92 35.10
CA PRO A 166 -0.70 14.68 34.92
C PRO A 166 -1.18 14.72 33.46
N ASP A 167 -0.70 15.69 32.70
CA ASP A 167 -1.17 15.80 31.30
C ASP A 167 -0.74 14.62 30.41
N ASP A 168 0.41 14.01 30.71
CA ASP A 168 0.81 12.77 29.97
C ASP A 168 -0.10 11.62 30.37
N ARG A 169 -0.50 11.60 31.63
CA ARG A 169 -1.44 10.61 32.06
C ARG A 169 -2.84 10.74 31.43
N LYS A 170 -3.26 11.98 31.23
CA LYS A 170 -4.50 12.34 30.54
C LYS A 170 -4.48 11.78 29.12
N VAL A 171 -3.33 11.97 28.48
CA VAL A 171 -3.13 11.47 27.13
C VAL A 171 -3.13 9.95 27.10
N LEU A 172 -2.48 9.28 28.04
CA LEU A 172 -2.44 7.83 28.01
C LEU A 172 -3.87 7.27 28.33
N ARG A 173 -4.63 8.04 29.11
CA ARG A 173 -6.04 7.63 29.38
C ARG A 173 -6.86 7.64 28.08
N ARG A 174 -6.62 8.66 27.26
CA ARG A 174 -7.28 8.81 25.93
C ARG A 174 -6.84 7.69 25.01
N PHE A 175 -5.57 7.33 25.08
CA PHE A 175 -5.03 6.22 24.25
C PHE A 175 -5.74 4.90 24.52
N VAL A 176 -5.97 4.57 25.79
CA VAL A 176 -6.60 3.27 26.04
C VAL A 176 -8.11 3.25 25.77
N LYS A 177 -8.74 4.38 25.51
CA LYS A 177 -10.17 4.41 25.38
C LYS A 177 -10.68 3.63 24.17
N ARG A 178 -9.86 3.54 23.14
CA ARG A 178 -10.27 2.98 21.84
C ARG A 178 -9.13 2.16 21.30
N PRO A 179 -9.42 1.30 20.34
CA PRO A 179 -8.34 0.54 19.78
C PRO A 179 -7.25 1.41 19.13
N VAL A 180 -6.04 0.90 19.10
CA VAL A 180 -4.90 1.65 18.47
C VAL A 180 -4.29 0.92 17.34
N ASP A 181 -4.58 -0.38 17.16
CA ASP A 181 -4.08 -1.12 16.02
C ASP A 181 -5.03 -0.86 14.86
N THR A 182 -4.90 0.30 14.24
CA THR A 182 -5.91 0.80 13.32
C THR A 182 -5.31 0.96 11.97
N LYS A 183 -6.17 0.81 10.99
CA LYS A 183 -5.93 1.19 9.59
C LYS A 183 -6.33 2.63 9.44
N THR A 184 -5.70 3.30 8.49
CA THR A 184 -5.90 4.77 8.31
C THR A 184 -6.32 5.09 6.89
N VAL A 185 -7.42 5.78 6.74
CA VAL A 185 -7.90 6.25 5.45
C VAL A 185 -7.77 7.80 5.50
N LEU A 186 -7.07 8.33 4.54
CA LEU A 186 -6.69 9.74 4.51
C LEU A 186 -7.45 10.42 3.40
N VAL A 187 -8.41 11.25 3.78
CA VAL A 187 -9.26 11.92 2.83
C VAL A 187 -8.80 13.31 2.71
N VAL A 188 -8.37 13.67 1.52
CA VAL A 188 -7.73 14.97 1.26
C VAL A 188 -8.55 15.81 0.30
N ARG A 189 -8.81 17.08 0.66
CA ARG A 189 -9.36 18.00 -0.33
C ARG A 189 -8.22 18.58 -1.19
N HIS A 190 -8.44 18.60 -2.50
CA HIS A 190 -7.44 19.06 -3.41
C HIS A 190 -7.04 20.51 -3.06
N GLY A 191 -5.84 20.84 -3.48
CA GLY A 191 -5.27 22.14 -3.19
C GLY A 191 -5.91 23.24 -4.06
N THR A 192 -5.53 24.47 -3.79
CA THR A 192 -6.09 25.61 -4.47
C THR A 192 -5.73 25.56 -5.95
N ALA A 193 -6.68 25.93 -6.79
CA ALA A 193 -6.68 25.69 -8.24
C ALA A 193 -7.39 26.82 -9.02
N GLY A 194 -7.19 28.05 -8.59
CA GLY A 194 -7.82 29.19 -9.30
C GLY A 194 -9.32 29.05 -9.22
N ARG A 195 -10.05 29.57 -10.22
CA ARG A 195 -11.50 29.29 -10.28
C ARG A 195 -12.07 29.01 -11.66
N ARG A 196 -13.18 28.28 -11.63
CA ARG A 196 -13.88 27.78 -12.79
C ARG A 196 -14.12 28.87 -13.86
N SER A 197 -14.58 30.04 -13.43
CA SER A 197 -15.05 31.04 -14.38
C SER A 197 -13.90 31.67 -15.17
N ARG A 198 -12.68 31.63 -14.63
CA ARG A 198 -11.51 32.17 -15.35
C ARG A 198 -10.73 31.10 -16.14
N TYR A 199 -11.24 29.87 -16.23
CA TYR A 199 -10.50 28.80 -16.90
C TYR A 199 -11.21 28.50 -18.22
N LYS A 200 -10.44 28.57 -19.31
CA LYS A 200 -10.95 28.43 -20.68
C LYS A 200 -11.35 27.03 -21.10
N GLY A 201 -10.59 26.04 -20.62
CA GLY A 201 -10.81 24.66 -20.98
C GLY A 201 -11.94 23.97 -20.25
N ASP A 202 -12.14 22.70 -20.56
CA ASP A 202 -13.05 21.88 -19.72
C ASP A 202 -12.57 21.93 -18.26
N ASP A 203 -13.50 22.18 -17.35
CA ASP A 203 -13.17 22.40 -15.96
C ASP A 203 -12.48 21.22 -15.29
N ARG A 204 -12.78 20.00 -15.74
CA ARG A 204 -12.08 18.78 -15.27
C ARG A 204 -10.57 18.92 -15.38
N LYS A 205 -10.09 19.65 -16.41
CA LYS A 205 -8.66 19.86 -16.57
C LYS A 205 -8.00 21.00 -15.77
N ARG A 206 -8.78 21.81 -15.06
CA ARG A 206 -8.19 22.97 -14.36
C ARG A 206 -7.15 22.59 -13.31
N PRO A 207 -5.91 23.12 -13.44
CA PRO A 207 -4.82 22.72 -12.60
C PRO A 207 -4.70 23.46 -11.31
N LEU A 208 -3.90 22.91 -10.42
CA LEU A 208 -3.49 23.60 -9.21
C LEU A 208 -2.77 24.94 -9.60
N ASP A 209 -3.00 25.98 -8.78
CA ASP A 209 -2.15 27.22 -8.87
C ASP A 209 -0.88 27.09 -8.05
N LYS A 210 -0.07 28.15 -8.02
CA LYS A 210 1.17 28.09 -7.32
C LYS A 210 1.03 27.72 -5.89
N ARG A 211 0.06 28.30 -5.21
CA ARG A 211 -0.16 27.98 -3.80
C ARG A 211 -0.57 26.49 -3.68
N GLY A 212 -1.42 26.06 -4.58
CA GLY A 212 -1.93 24.64 -4.60
C GLY A 212 -0.77 23.68 -4.82
N ARG A 213 0.14 24.03 -5.73
CA ARG A 213 1.38 23.24 -5.89
C ARG A 213 2.20 23.13 -4.61
N ALA A 214 2.31 24.23 -3.87
CA ALA A 214 3.03 24.21 -2.58
C ALA A 214 2.29 23.41 -1.54
N GLN A 215 0.98 23.47 -1.57
CA GLN A 215 0.21 22.64 -0.63
C GLN A 215 0.46 21.14 -0.89
N ALA A 216 0.43 20.78 -2.18
CA ALA A 216 0.74 19.42 -2.63
C ALA A 216 2.08 18.92 -2.15
N GLU A 217 3.13 19.75 -2.26
CA GLU A 217 4.45 19.37 -1.76
C GLU A 217 4.48 19.21 -0.29
N ALA A 218 3.79 20.10 0.43
CA ALA A 218 3.79 20.05 1.87
C ALA A 218 2.98 18.82 2.39
N LEU A 219 2.05 18.34 1.58
CA LEU A 219 1.28 17.14 1.97
C LEU A 219 2.10 15.87 1.99
N VAL A 220 3.25 15.84 1.29
CA VAL A 220 4.01 14.61 1.24
C VAL A 220 4.36 14.18 2.63
N ALA A 221 4.98 15.07 3.40
CA ALA A 221 5.46 14.64 4.73
C ALA A 221 4.26 14.39 5.69
N GLN A 222 3.23 15.21 5.48
N GLN A 222 3.21 15.15 5.56
CA GLN A 222 1.93 15.14 6.19
CA GLN A 222 2.07 14.88 6.44
C GLN A 222 1.31 13.71 6.09
C GLN A 222 1.46 13.48 6.15
N LEU A 223 1.22 13.20 4.87
CA LEU A 223 0.55 11.92 4.57
C LEU A 223 1.47 10.72 4.87
N MET A 224 2.79 10.89 4.64
CA MET A 224 3.72 9.88 5.05
C MET A 224 3.81 9.66 6.57
N ALA A 225 3.56 10.69 7.37
CA ALA A 225 3.55 10.49 8.84
C ALA A 225 2.50 9.45 9.23
N PHE A 226 1.44 9.33 8.46
CA PHE A 226 0.36 8.37 8.72
C PHE A 226 0.53 7.10 7.92
N GLY A 227 1.67 6.90 7.29
CA GLY A 227 1.94 5.62 6.68
C GLY A 227 1.07 5.36 5.45
N ALA A 228 0.80 6.41 4.69
CA ALA A 228 0.06 6.27 3.39
C ALA A 228 0.70 5.20 2.55
N THR A 229 -0.11 4.28 1.99
CA THR A 229 0.48 3.24 1.10
C THR A 229 -0.01 3.24 -0.33
N THR A 230 -1.25 3.66 -0.55
CA THR A 230 -1.94 3.40 -1.81
C THR A 230 -2.73 4.63 -2.17
N LEU A 231 -2.60 5.03 -3.44
CA LEU A 231 -3.10 6.36 -3.82
C LEU A 231 -4.28 6.39 -4.75
N TYR A 232 -5.25 7.25 -4.45
CA TYR A 232 -6.47 7.43 -5.22
C TYR A 232 -6.86 8.89 -5.35
N ALA A 233 -7.43 9.26 -6.50
CA ALA A 233 -7.92 10.61 -6.67
C ALA A 233 -9.17 10.60 -7.55
N ALA A 234 -10.13 11.42 -7.19
CA ALA A 234 -11.26 11.67 -8.05
C ALA A 234 -10.80 12.13 -9.44
N ASP A 235 -11.68 11.95 -10.41
CA ASP A 235 -11.41 12.17 -11.85
C ASP A 235 -11.32 13.62 -12.30
N ARG A 236 -10.45 14.38 -11.63
CA ARG A 236 -10.22 15.79 -11.93
C ARG A 236 -8.73 15.98 -11.83
N VAL A 237 -8.18 16.76 -12.75
CA VAL A 237 -6.75 17.01 -12.75
C VAL A 237 -6.23 17.53 -11.43
N ARG A 238 -6.99 18.43 -10.83
CA ARG A 238 -6.53 19.10 -9.66
C ARG A 238 -6.47 18.14 -8.48
N CYS A 239 -7.32 17.11 -8.45
CA CYS A 239 -7.16 16.08 -7.39
C CYS A 239 -5.91 15.26 -7.62
N HIS A 240 -5.68 14.82 -8.86
CA HIS A 240 -4.45 14.08 -9.11
C HIS A 240 -3.22 14.85 -8.78
N GLN A 241 -3.20 16.12 -9.18
CA GLN A 241 -2.05 16.94 -8.93
C GLN A 241 -1.75 17.20 -7.46
N THR A 242 -2.78 17.11 -6.62
CA THR A 242 -2.57 17.30 -5.21
C THR A 242 -1.78 16.17 -4.62
N ILE A 243 -1.93 14.96 -5.16
CA ILE A 243 -1.16 13.89 -4.61
C ILE A 243 -0.01 13.44 -5.53
N GLU A 244 0.24 14.13 -6.63
N GLU A 244 0.19 14.14 -6.65
CA GLU A 244 1.35 13.74 -7.52
CA GLU A 244 1.34 13.84 -7.56
C GLU A 244 2.75 13.85 -6.87
C GLU A 244 2.71 13.86 -6.85
N PRO A 245 2.98 14.86 -6.00
CA PRO A 245 4.25 14.85 -5.28
C PRO A 245 4.40 13.64 -4.36
N LEU A 246 3.32 13.26 -3.69
CA LEU A 246 3.39 12.01 -2.94
C LEU A 246 3.61 10.77 -3.84
N ALA A 247 2.93 10.72 -4.95
CA ALA A 247 3.09 9.68 -5.91
C ALA A 247 4.53 9.55 -6.42
N GLN A 248 5.21 10.68 -6.62
CA GLN A 248 6.65 10.71 -6.99
C GLN A 248 7.52 10.24 -5.86
N GLU A 249 7.20 10.63 -4.62
CA GLU A 249 7.94 10.17 -3.51
C GLU A 249 7.84 8.63 -3.33
N LEU A 250 6.65 8.11 -3.46
CA LEU A 250 6.41 6.69 -3.26
C LEU A 250 6.75 5.88 -4.55
N ASP A 251 6.88 6.58 -5.65
CA ASP A 251 6.99 6.07 -7.00
C ASP A 251 5.84 5.11 -7.38
N GLN A 252 4.61 5.57 -7.31
CA GLN A 252 3.43 4.76 -7.51
C GLN A 252 2.38 5.52 -8.28
N LEU A 253 1.53 4.75 -8.95
CA LEU A 253 0.41 5.30 -9.68
C LEU A 253 -0.68 5.81 -8.75
N ILE A 254 -1.49 6.71 -9.28
CA ILE A 254 -2.68 7.22 -8.58
C ILE A 254 -3.90 6.61 -9.25
N HIS A 255 -4.71 5.86 -8.50
CA HIS A 255 -5.95 5.30 -9.03
C HIS A 255 -6.98 6.36 -9.29
N ASN A 256 -7.62 6.31 -10.46
CA ASN A 256 -8.63 7.30 -10.76
C ASN A 256 -10.04 6.85 -10.33
N GLU A 257 -10.82 7.77 -9.79
CA GLU A 257 -12.07 7.46 -9.12
C GLU A 257 -13.15 8.36 -9.63
N PRO A 258 -13.77 7.96 -10.74
CA PRO A 258 -14.91 8.74 -11.19
C PRO A 258 -16.11 8.81 -10.28
N LEU A 259 -16.33 7.83 -9.43
CA LEU A 259 -17.50 7.86 -8.54
C LEU A 259 -17.36 8.89 -7.44
N LEU A 260 -16.18 9.50 -7.31
CA LEU A 260 -15.92 10.39 -6.21
C LEU A 260 -15.79 11.85 -6.60
N THR A 261 -16.24 12.21 -7.81
CA THR A 261 -16.31 13.62 -8.17
C THR A 261 -17.56 14.28 -7.56
N GLU A 262 -17.58 15.61 -7.50
CA GLU A 262 -18.76 16.32 -7.02
C GLU A 262 -20.03 15.97 -7.81
N GLU A 263 -19.88 15.84 -9.14
CA GLU A 263 -21.01 15.54 -10.00
C GLU A 263 -21.51 14.15 -9.81
N ALA A 264 -20.60 13.19 -9.61
CA ALA A 264 -21.03 11.84 -9.37
C ALA A 264 -21.70 11.74 -8.00
N TYR A 265 -21.13 12.42 -7.02
CA TYR A 265 -21.62 12.35 -5.65
C TYR A 265 -23.06 12.93 -5.63
N ALA A 266 -23.25 14.03 -6.34
CA ALA A 266 -24.60 14.65 -6.43
C ALA A 266 -25.61 13.72 -7.03
N ALA A 267 -25.20 12.97 -8.07
CA ALA A 267 -26.09 12.07 -8.77
C ALA A 267 -26.28 10.75 -8.02
N ASP A 268 -25.27 10.27 -7.27
CA ASP A 268 -25.41 9.02 -6.60
C ASP A 268 -24.49 8.98 -5.38
N HIS A 269 -24.93 9.60 -4.31
CA HIS A 269 -24.09 9.57 -3.13
C HIS A 269 -23.93 8.18 -2.55
N LYS A 270 -24.87 7.22 -2.77
CA LYS A 270 -24.72 5.89 -2.28
C LYS A 270 -23.59 5.16 -2.95
N ALA A 271 -23.37 5.40 -4.23
CA ALA A 271 -22.32 4.71 -4.95
C ALA A 271 -20.98 5.25 -4.41
N ALA A 272 -20.95 6.54 -4.06
CA ALA A 272 -19.74 7.15 -3.45
C ALA A 272 -19.41 6.53 -2.13
N ARG A 273 -20.40 6.39 -1.24
CA ARG A 273 -20.18 5.73 0.04
C ARG A 273 -19.70 4.32 -0.11
N LYS A 274 -20.34 3.58 -1.02
CA LYS A 274 -19.97 2.23 -1.25
C LYS A 274 -18.53 2.10 -1.75
N ARG A 275 -18.12 3.02 -2.62
CA ARG A 275 -16.80 2.98 -3.18
C ARG A 275 -15.80 3.34 -2.05
N LEU A 276 -16.12 4.32 -1.23
CA LEU A 276 -15.24 4.61 -0.06
C LEU A 276 -15.04 3.42 0.81
N LEU A 277 -16.14 2.70 1.11
CA LEU A 277 -16.03 1.49 1.90
C LEU A 277 -15.21 0.41 1.24
N GLU A 278 -15.32 0.28 -0.08
CA GLU A 278 -14.54 -0.69 -0.79
C GLU A 278 -13.03 -0.36 -0.68
N ILE A 279 -12.70 0.88 -0.94
CA ILE A 279 -11.31 1.34 -0.84
C ILE A 279 -10.75 1.13 0.57
N ALA A 280 -11.57 1.43 1.57
CA ALA A 280 -11.16 1.36 2.98
C ALA A 280 -11.03 -0.06 3.44
N GLY A 281 -11.67 -0.99 2.75
CA GLY A 281 -11.60 -2.42 3.13
C GLY A 281 -10.40 -3.16 2.63
N ARG A 282 -9.63 -2.59 1.70
CA ARG A 282 -8.45 -3.29 1.12
C ARG A 282 -7.19 -3.14 1.97
N PRO A 283 -6.22 -4.05 1.86
CA PRO A 283 -4.96 -3.88 2.56
C PRO A 283 -4.27 -2.56 2.24
N GLY A 284 -3.67 -1.97 3.28
CA GLY A 284 -2.94 -0.74 3.14
C GLY A 284 -3.70 0.44 3.76
N ASN A 285 -3.05 1.61 3.73
CA ASN A 285 -3.62 2.86 4.19
C ASN A 285 -3.82 3.76 2.99
N PRO A 286 -5.06 3.92 2.53
CA PRO A 286 -5.30 4.63 1.30
C PRO A 286 -5.40 6.14 1.48
N VAL A 287 -4.91 6.84 0.48
CA VAL A 287 -5.10 8.28 0.36
C VAL A 287 -6.11 8.51 -0.71
N ILE A 288 -7.16 9.27 -0.40
CA ILE A 288 -8.16 9.59 -1.42
C ILE A 288 -8.32 11.10 -1.54
N CYS A 289 -7.91 11.68 -2.67
CA CYS A 289 -8.05 13.11 -2.89
C CYS A 289 -9.31 13.39 -3.71
N THR A 290 -10.18 14.17 -3.13
CA THR A 290 -11.45 14.50 -3.70
C THR A 290 -11.84 16.00 -3.45
N GLN A 291 -13.14 16.29 -3.56
CA GLN A 291 -13.58 17.66 -3.71
C GLN A 291 -14.46 18.13 -2.56
N GLY A 292 -14.57 19.46 -2.47
CA GLY A 292 -15.27 20.10 -1.36
C GLY A 292 -16.70 19.74 -1.11
N LYS A 293 -17.49 19.42 -2.13
CA LYS A 293 -18.89 19.05 -1.90
C LYS A 293 -19.09 17.56 -1.64
N VAL A 294 -18.02 16.78 -1.73
CA VAL A 294 -18.08 15.36 -1.44
C VAL A 294 -17.67 15.07 -0.02
N ILE A 295 -16.60 15.69 0.42
CA ILE A 295 -16.04 15.33 1.72
C ILE A 295 -16.94 15.49 2.94
N PRO A 296 -17.53 16.69 3.18
CA PRO A 296 -18.41 16.84 4.34
C PRO A 296 -19.44 15.76 4.43
N GLY A 297 -20.08 15.50 3.32
CA GLY A 297 -21.12 14.50 3.27
C GLY A 297 -20.62 13.14 3.65
N LEU A 298 -19.45 12.75 3.14
CA LEU A 298 -18.91 11.44 3.48
C LEU A 298 -18.50 11.36 4.94
N ILE A 299 -17.90 12.44 5.43
CA ILE A 299 -17.39 12.41 6.80
C ILE A 299 -18.57 12.39 7.78
N GLU A 300 -19.58 13.23 7.55
N GLU A 300 -19.57 13.25 7.51
CA GLU A 300 -20.80 13.25 8.42
CA GLU A 300 -20.80 13.34 8.34
C GLU A 300 -21.50 11.89 8.42
C GLU A 300 -21.57 12.00 8.38
N TRP A 301 -21.71 11.32 7.24
CA TRP A 301 -22.28 9.97 7.16
C TRP A 301 -21.52 8.94 8.02
N TRP A 302 -20.18 8.94 7.92
CA TRP A 302 -19.45 7.94 8.64
C TRP A 302 -19.41 8.17 10.16
N CYS A 303 -19.23 9.39 10.57
CA CYS A 303 -19.19 9.79 12.00
C CYS A 303 -20.56 9.44 12.63
N GLU A 304 -21.62 9.72 11.87
CA GLU A 304 -22.99 9.46 12.36
C GLU A 304 -23.29 7.97 12.43
N ARG A 305 -22.77 7.17 11.51
CA ARG A 305 -22.96 5.72 11.55
C ARG A 305 -22.22 5.08 12.75
N ALA A 306 -20.99 5.57 12.99
CA ALA A 306 -20.07 4.99 13.97
C ALA A 306 -20.19 5.63 15.34
N LYS A 307 -20.89 6.75 15.44
CA LYS A 307 -20.97 7.55 16.66
C LYS A 307 -19.62 8.04 17.09
N VAL A 308 -18.91 8.61 16.13
CA VAL A 308 -17.56 9.16 16.37
C VAL A 308 -17.73 10.64 16.34
N ARG A 309 -17.12 11.33 17.33
CA ARG A 309 -17.16 12.74 17.44
C ARG A 309 -15.84 13.37 17.04
N PRO A 310 -15.84 14.14 15.96
CA PRO A 310 -14.56 14.78 15.60
C PRO A 310 -14.21 15.95 16.51
N GLU A 311 -12.96 16.03 16.96
CA GLU A 311 -12.59 17.12 17.87
C GLU A 311 -12.51 18.38 17.15
N THR A 312 -12.02 18.34 15.90
CA THR A 312 -11.94 19.51 15.09
C THR A 312 -12.65 19.25 13.80
N THR A 313 -12.88 20.32 13.07
CA THR A 313 -13.61 20.21 11.82
C THR A 313 -13.36 21.34 10.92
N GLY A 314 -13.62 21.10 9.63
CA GLY A 314 -13.28 22.05 8.59
C GLY A 314 -13.35 21.37 7.21
N ASN A 315 -13.06 22.10 6.15
CA ASN A 315 -13.14 21.57 4.80
C ASN A 315 -12.31 22.31 3.78
N ARG A 316 -11.18 22.84 4.23
CA ARG A 316 -10.41 23.75 3.46
C ARG A 316 -9.65 23.03 2.37
N LYS A 317 -9.34 23.73 1.29
CA LYS A 317 -8.49 23.10 0.24
C LYS A 317 -7.13 22.76 0.82
N GLY A 318 -6.64 21.55 0.51
CA GLY A 318 -5.45 21.05 1.13
C GLY A 318 -5.52 20.41 2.48
N SER A 319 -6.73 20.36 3.03
CA SER A 319 -6.95 19.72 4.33
C SER A 319 -7.06 18.19 4.19
N THR A 320 -6.90 17.53 5.31
CA THR A 320 -6.92 16.07 5.42
C THR A 320 -7.79 15.62 6.59
N TRP A 321 -8.66 14.64 6.34
CA TRP A 321 -9.29 13.91 7.39
C TRP A 321 -8.59 12.60 7.54
N VAL A 322 -8.19 12.30 8.78
CA VAL A 322 -7.60 11.04 9.10
C VAL A 322 -8.70 10.21 9.70
N LEU A 323 -9.08 9.13 9.02
CA LEU A 323 -10.11 8.26 9.50
C LEU A 323 -9.45 7.02 9.97
N SER A 324 -9.60 6.73 11.24
CA SER A 324 -9.01 5.53 11.83
C SER A 324 -10.08 4.44 12.00
N LEU A 325 -9.70 3.25 11.56
CA LEU A 325 -10.62 2.07 11.51
C LEU A 325 -10.04 0.90 12.26
N SER A 326 -10.89 0.21 13.05
CA SER A 326 -10.52 -0.99 13.74
C SER A 326 -11.51 -2.10 13.35
N ASP A 327 -11.03 -3.18 12.77
CA ASP A 327 -11.96 -4.21 12.24
C ASP A 327 -13.03 -3.62 11.36
N GLY A 328 -12.71 -2.67 10.49
CA GLY A 328 -13.68 -2.08 9.58
C GLY A 328 -14.51 -0.96 10.16
N GLU A 329 -14.44 -0.74 11.48
CA GLU A 329 -15.30 0.27 12.08
C GLU A 329 -14.52 1.56 12.35
N LEU A 330 -15.18 2.71 12.16
CA LEU A 330 -14.61 4.02 12.39
C LEU A 330 -14.47 4.27 13.89
N VAL A 331 -13.24 4.57 14.33
CA VAL A 331 -12.96 4.88 15.74
C VAL A 331 -12.34 6.29 15.92
N GLY A 332 -11.99 6.99 14.84
CA GLY A 332 -11.55 8.36 14.98
C GLY A 332 -11.73 9.08 13.64
N ALA A 333 -11.94 10.37 13.72
CA ALA A 333 -12.04 11.20 12.57
C ALA A 333 -11.39 12.52 12.89
N ASP A 334 -10.15 12.71 12.40
CA ASP A 334 -9.30 13.82 12.82
C ASP A 334 -9.03 14.77 11.67
N TYR A 335 -9.58 15.95 11.76
CA TYR A 335 -9.38 16.97 10.75
C TYR A 335 -8.05 17.71 10.95
N LEU A 336 -7.24 17.70 9.91
CA LEU A 336 -5.97 18.44 9.87
C LEU A 336 -6.06 19.60 8.94
N SER A 337 -5.73 20.79 9.42
N SER A 337 -5.80 20.81 9.42
CA SER A 337 -5.76 21.94 8.55
CA SER A 337 -5.86 21.97 8.56
C SER A 337 -4.84 21.77 7.34
C SER A 337 -4.85 21.82 7.38
N PRO A 338 -5.08 22.58 6.30
CA PRO A 338 -4.11 22.62 5.20
C PRO A 338 -2.73 22.99 5.74
N PRO A 339 -1.68 22.46 5.09
CA PRO A 339 -0.37 22.50 5.76
C PRO A 339 0.19 23.91 5.83
N ASP A 340 -0.38 24.82 5.04
CA ASP A 340 0.08 26.21 5.03
C ASP A 340 -0.85 27.17 5.81
N GLU A 341 -1.73 26.63 6.65
CA GLU A 341 -2.67 27.43 7.50
C GLU A 341 -2.53 27.02 8.96
N THR B 43 -6.81 2.27 -22.62
CA THR B 43 -7.55 1.27 -23.45
C THR B 43 -6.68 0.07 -23.93
N VAL B 44 -5.43 0.24 -24.34
CA VAL B 44 -4.71 -0.94 -24.83
C VAL B 44 -3.76 -1.53 -23.75
N ARG B 45 -4.03 -2.77 -23.35
CA ARG B 45 -3.31 -3.34 -22.22
C ARG B 45 -2.12 -4.14 -22.70
N ALA B 46 -0.96 -3.86 -22.12
CA ALA B 46 0.30 -4.53 -22.46
C ALA B 46 1.10 -4.85 -21.20
N ALA B 47 2.16 -5.67 -21.36
CA ALA B 47 2.99 -5.99 -20.26
C ALA B 47 4.34 -6.31 -20.78
N GLY B 48 5.34 -6.07 -19.97
CA GLY B 48 6.73 -6.34 -20.39
C GLY B 48 7.67 -6.56 -19.22
N ALA B 49 8.97 -6.48 -19.47
CA ALA B 49 9.94 -6.85 -18.46
C ALA B 49 11.30 -6.26 -18.65
N VAL B 50 11.97 -6.11 -17.52
CA VAL B 50 13.41 -5.97 -17.52
C VAL B 50 13.91 -7.42 -17.41
N LEU B 51 14.27 -8.01 -18.55
CA LEU B 51 14.84 -9.37 -18.57
C LEU B 51 16.32 -9.26 -18.19
N TRP B 52 16.73 -9.96 -17.15
CA TRP B 52 18.10 -9.87 -16.71
C TRP B 52 18.77 -11.26 -16.58
N ARG B 53 20.09 -11.22 -16.51
CA ARG B 53 20.89 -12.43 -16.31
C ARG B 53 22.11 -12.01 -15.53
N ASP B 54 22.75 -12.99 -14.89
CA ASP B 54 23.94 -12.76 -14.07
C ASP B 54 25.11 -12.60 -15.04
N ALA B 55 25.84 -11.48 -14.95
CA ALA B 55 26.97 -11.20 -15.87
C ALA B 55 28.18 -12.04 -15.52
N THR B 67 27.09 -6.61 -11.73
CA THR B 67 26.90 -8.06 -11.75
C THR B 67 25.81 -8.47 -12.75
N VAL B 68 24.75 -7.67 -12.93
CA VAL B 68 23.68 -8.10 -13.87
C VAL B 68 23.82 -7.44 -15.23
N GLU B 69 23.34 -8.15 -16.24
CA GLU B 69 23.11 -7.55 -17.53
C GLU B 69 21.60 -7.61 -17.85
N VAL B 70 21.14 -6.56 -18.51
CA VAL B 70 19.75 -6.53 -19.01
C VAL B 70 19.63 -6.48 -20.51
N ALA B 71 18.52 -7.01 -21.01
CA ALA B 71 18.27 -7.10 -22.44
C ALA B 71 17.62 -5.83 -23.01
N VAL B 72 18.23 -5.23 -24.03
CA VAL B 72 17.64 -4.14 -24.72
C VAL B 72 17.42 -4.57 -26.17
N ILE B 73 16.21 -4.34 -26.68
CA ILE B 73 15.79 -4.86 -28.00
C ILE B 73 15.65 -3.72 -28.97
N HIS B 74 16.01 -4.00 -30.23
CA HIS B 74 15.84 -3.05 -31.33
C HIS B 74 14.71 -3.51 -32.27
N ARG B 75 13.84 -2.60 -32.62
CA ARG B 75 12.75 -2.89 -33.51
C ARG B 75 12.86 -1.94 -34.74
N PRO B 76 12.77 -2.51 -35.94
CA PRO B 76 12.79 -1.78 -37.24
C PRO B 76 11.68 -0.77 -37.40
N ARG B 77 10.47 -1.09 -36.97
CA ARG B 77 9.35 -0.24 -37.25
C ARG B 77 9.62 1.17 -36.77
N TYR B 78 10.17 1.31 -35.58
CA TYR B 78 10.39 2.62 -35.07
C TYR B 78 11.86 2.92 -34.98
N ASP B 79 12.70 1.98 -35.45
CA ASP B 79 14.16 2.13 -35.29
C ASP B 79 14.45 2.50 -33.83
N ASP B 80 13.78 1.80 -32.91
CA ASP B 80 13.96 2.15 -31.51
C ASP B 80 14.73 1.10 -30.69
N TRP B 81 15.24 1.54 -29.55
CA TRP B 81 15.76 0.65 -28.52
C TRP B 81 14.88 0.74 -27.24
N SER B 82 14.44 -0.41 -26.76
CA SER B 82 13.42 -0.48 -25.71
C SER B 82 13.45 -1.80 -24.92
N LEU B 83 12.58 -1.88 -23.89
CA LEU B 83 12.35 -3.11 -23.16
C LEU B 83 11.28 -3.95 -23.81
N PRO B 84 11.49 -5.28 -23.81
CA PRO B 84 10.52 -6.20 -24.38
C PRO B 84 9.15 -6.10 -23.68
N LYS B 85 8.11 -6.00 -24.46
CA LYS B 85 6.76 -5.92 -23.93
C LYS B 85 5.84 -6.10 -25.07
N GLY B 86 4.60 -6.45 -24.77
CA GLY B 86 3.57 -6.40 -25.80
C GLY B 86 2.17 -6.63 -25.24
N LYS B 87 1.22 -6.71 -26.15
CA LYS B 87 -0.21 -6.67 -25.82
C LYS B 87 -0.68 -7.95 -25.26
N LEU B 88 -1.61 -7.85 -24.30
CA LEU B 88 -2.32 -9.04 -23.75
C LEU B 88 -3.23 -9.59 -24.87
N ASP B 89 -3.18 -10.90 -25.06
CA ASP B 89 -4.10 -11.64 -25.96
C ASP B 89 -5.33 -11.95 -25.16
N GLN B 90 -6.35 -12.48 -25.80
CA GLN B 90 -7.62 -12.62 -25.09
C GLN B 90 -7.48 -13.71 -24.04
N GLY B 91 -7.99 -13.41 -22.86
CA GLY B 91 -7.92 -14.34 -21.75
C GLY B 91 -6.64 -14.33 -20.94
N GLU B 92 -5.62 -13.58 -21.35
CA GLU B 92 -4.38 -13.49 -20.61
C GLU B 92 -4.45 -12.39 -19.56
N THR B 93 -3.70 -12.59 -18.48
CA THR B 93 -3.42 -11.49 -17.53
C THR B 93 -2.07 -10.90 -17.87
N GLU B 94 -1.75 -9.75 -17.27
CA GLU B 94 -0.50 -9.13 -17.51
C GLU B 94 0.74 -10.01 -17.32
N PRO B 95 0.83 -10.81 -16.22
CA PRO B 95 2.06 -11.62 -16.11
C PRO B 95 2.19 -12.68 -17.23
N VAL B 96 1.07 -13.23 -17.62
CA VAL B 96 1.04 -14.24 -18.71
C VAL B 96 1.54 -13.65 -20.00
N ALA B 97 0.97 -12.48 -20.33
CA ALA B 97 1.48 -11.72 -21.48
C ALA B 97 2.93 -11.30 -21.40
N ALA B 98 3.40 -10.80 -20.25
CA ALA B 98 4.80 -10.47 -20.12
C ALA B 98 5.74 -11.66 -20.44
N ALA B 99 5.53 -12.78 -19.79
CA ALA B 99 6.37 -13.96 -19.99
C ALA B 99 6.34 -14.39 -21.48
N ARG B 100 5.16 -14.42 -22.07
CA ARG B 100 4.99 -14.79 -23.48
C ARG B 100 5.77 -13.83 -24.39
N GLU B 101 5.56 -12.52 -24.19
CA GLU B 101 6.19 -11.52 -25.04
C GLU B 101 7.72 -11.52 -24.92
N ILE B 102 8.23 -11.80 -23.71
CA ILE B 102 9.62 -11.90 -23.51
C ILE B 102 10.14 -13.04 -24.39
N HIS B 103 9.43 -14.15 -24.34
CA HIS B 103 9.87 -15.33 -25.15
C HIS B 103 9.84 -15.01 -26.65
N GLU B 104 8.80 -14.34 -27.13
CA GLU B 104 8.62 -14.04 -28.54
C GLU B 104 9.63 -13.04 -29.03
N GLU B 105 9.91 -12.04 -28.21
CA GLU B 105 10.73 -10.93 -28.65
C GLU B 105 12.19 -11.18 -28.37
N THR B 106 12.50 -12.01 -27.38
CA THR B 106 13.92 -12.25 -27.06
C THR B 106 14.43 -13.71 -27.30
N GLY B 107 13.51 -14.67 -27.40
CA GLY B 107 13.85 -16.09 -27.40
C GLY B 107 14.15 -16.65 -26.05
N HIS B 108 14.14 -15.84 -24.97
CA HIS B 108 14.40 -16.38 -23.65
C HIS B 108 13.13 -16.69 -22.88
N THR B 109 13.18 -17.85 -22.21
CA THR B 109 12.30 -18.21 -21.14
C THR B 109 12.74 -17.41 -19.90
N ALA B 110 11.78 -17.08 -19.06
CA ALA B 110 12.05 -16.25 -17.90
C ALA B 110 11.06 -16.51 -16.80
N VAL B 111 11.47 -16.21 -15.59
CA VAL B 111 10.58 -16.29 -14.46
C VAL B 111 10.44 -14.85 -13.90
N LEU B 112 9.18 -14.41 -13.82
CA LEU B 112 8.88 -13.07 -13.27
C LEU B 112 9.09 -13.03 -11.78
N GLY B 113 9.54 -11.88 -11.27
CA GLY B 113 9.73 -11.63 -9.82
C GLY B 113 8.92 -10.39 -9.41
N ARG B 114 9.61 -9.36 -8.90
CA ARG B 114 8.99 -8.08 -8.49
C ARG B 114 8.31 -7.33 -9.62
N ARG B 115 7.15 -6.75 -9.35
CA ARG B 115 6.57 -5.83 -10.31
C ARG B 115 7.33 -4.50 -10.28
N LEU B 116 7.45 -3.86 -11.43
CA LEU B 116 8.20 -2.62 -11.59
C LEU B 116 7.30 -1.47 -12.06
N GLY B 117 6.07 -1.49 -11.61
CA GLY B 117 5.11 -0.42 -11.93
C GLY B 117 4.54 -0.41 -13.33
N ARG B 118 3.85 0.69 -13.62
CA ARG B 118 2.98 0.81 -14.78
C ARG B 118 3.42 2.04 -15.55
N VAL B 119 3.35 1.94 -16.85
CA VAL B 119 3.63 3.01 -17.72
C VAL B 119 2.41 3.26 -18.55
N THR B 120 2.11 4.52 -18.80
CA THR B 120 1.00 4.81 -19.72
C THR B 120 1.42 5.91 -20.70
N TYR B 121 1.01 5.76 -21.96
CA TYR B 121 1.25 6.78 -23.00
C TYR B 121 0.20 6.70 -24.06
N PRO B 122 0.00 7.81 -24.79
CA PRO B 122 -1.11 7.82 -25.74
C PRO B 122 -0.66 7.15 -27.03
N ILE B 123 -1.58 6.43 -27.67
CA ILE B 123 -1.33 5.83 -28.97
C ILE B 123 -2.51 6.14 -29.90
N PRO B 124 -2.34 5.88 -31.21
CA PRO B 124 -3.41 5.80 -32.23
C PRO B 124 -4.69 5.10 -31.79
N GLN B 125 -4.57 3.93 -31.16
CA GLN B 125 -5.75 3.18 -30.71
C GLN B 125 -6.38 3.65 -29.37
N GLY B 126 -5.96 4.81 -28.84
CA GLY B 126 -6.36 5.28 -27.48
C GLY B 126 -5.20 5.46 -26.50
N THR B 127 -5.23 4.74 -25.38
CA THR B 127 -4.13 4.82 -24.38
C THR B 127 -3.51 3.46 -24.23
N LYS B 128 -2.18 3.46 -24.17
CA LYS B 128 -1.37 2.26 -23.95
C LYS B 128 -0.97 2.17 -22.46
N ARG B 129 -1.18 1.02 -21.86
CA ARG B 129 -0.79 0.78 -20.48
C ARG B 129 0.06 -0.46 -20.43
N VAL B 130 1.27 -0.29 -19.94
CA VAL B 130 2.22 -1.41 -19.83
C VAL B 130 2.61 -1.61 -18.37
N TRP B 131 2.32 -2.78 -17.86
CA TRP B 131 2.83 -3.14 -16.55
C TRP B 131 4.16 -3.88 -16.77
N TYR B 132 5.13 -3.66 -15.90
CA TYR B 132 6.47 -4.27 -16.09
C TYR B 132 6.84 -5.16 -14.91
N TRP B 133 7.63 -6.19 -15.21
CA TRP B 133 8.22 -7.06 -14.18
C TRP B 133 9.71 -7.21 -14.36
N ALA B 134 10.39 -7.40 -13.25
CA ALA B 134 11.74 -7.98 -13.29
C ALA B 134 11.60 -9.43 -13.69
N ALA B 135 12.45 -9.89 -14.60
CA ALA B 135 12.33 -11.21 -15.13
C ALA B 135 13.73 -11.81 -15.31
N LYS B 136 14.01 -12.87 -14.59
CA LYS B 136 15.27 -13.57 -14.70
C LYS B 136 15.22 -14.56 -15.86
N SER B 137 16.19 -14.40 -16.76
CA SER B 137 16.32 -15.35 -17.88
C SER B 137 16.58 -16.73 -17.31
N THR B 138 15.89 -17.72 -17.84
CA THR B 138 16.16 -19.10 -17.47
C THR B 138 16.73 -19.80 -18.70
N GLY B 139 17.31 -19.03 -19.62
CA GLY B 139 17.90 -19.53 -20.85
C GLY B 139 17.15 -19.21 -22.13
N GLY B 140 17.82 -19.41 -23.25
CA GLY B 140 17.19 -19.31 -24.58
C GLY B 140 18.19 -18.60 -25.42
N ASP B 141 17.91 -18.37 -26.69
CA ASP B 141 18.83 -17.60 -27.56
C ASP B 141 18.04 -16.71 -28.48
N PHE B 142 18.57 -15.53 -28.77
CA PHE B 142 17.89 -14.60 -29.65
C PHE B 142 18.10 -14.90 -31.15
N SER B 143 17.13 -14.53 -31.98
CA SER B 143 17.30 -14.52 -33.43
C SER B 143 16.33 -13.52 -33.99
N PRO B 144 16.77 -12.69 -34.95
CA PRO B 144 15.85 -11.71 -35.46
C PRO B 144 14.52 -12.38 -35.76
N ASN B 145 13.42 -11.69 -35.48
CA ASN B 145 12.11 -12.32 -35.58
C ASN B 145 11.19 -11.28 -36.16
N ASP B 146 9.90 -11.48 -35.93
CA ASP B 146 8.84 -10.64 -36.52
C ASP B 146 9.12 -9.15 -36.14
N GLU B 147 9.11 -8.93 -34.83
CA GLU B 147 9.12 -7.60 -34.26
C GLU B 147 10.54 -7.00 -34.06
N VAL B 148 11.50 -7.87 -33.78
CA VAL B 148 12.79 -7.46 -33.26
C VAL B 148 13.96 -8.01 -34.10
N ASP B 149 14.90 -7.14 -34.43
CA ASP B 149 16.09 -7.54 -35.24
C ASP B 149 17.45 -7.51 -34.51
N LYS B 150 17.56 -6.88 -33.35
CA LYS B 150 18.79 -6.92 -32.54
C LYS B 150 18.44 -7.00 -31.03
N LEU B 151 19.32 -7.62 -30.26
CA LEU B 151 19.17 -7.68 -28.81
C LEU B 151 20.56 -7.55 -28.23
N VAL B 152 20.73 -6.67 -27.25
CA VAL B 152 22.00 -6.48 -26.62
C VAL B 152 21.81 -6.63 -25.11
N TRP B 153 22.82 -7.20 -24.48
CA TRP B 153 22.85 -7.40 -23.04
C TRP B 153 23.83 -6.39 -22.51
N LEU B 154 23.32 -5.42 -21.75
CA LEU B 154 24.13 -4.38 -21.22
C LEU B 154 24.05 -4.36 -19.68
N PRO B 155 25.17 -4.01 -19.01
CA PRO B 155 25.04 -3.66 -17.63
C PRO B 155 24.17 -2.42 -17.50
N VAL B 156 23.64 -2.21 -16.30
CA VAL B 156 22.55 -1.26 -16.14
C VAL B 156 22.90 0.12 -16.61
N ASP B 157 24.12 0.58 -16.32
CA ASP B 157 24.49 1.96 -16.64
C ASP B 157 24.46 2.19 -18.17
N ALA B 158 25.01 1.25 -18.92
CA ALA B 158 24.96 1.30 -20.38
C ALA B 158 23.57 1.09 -20.92
N ALA B 159 22.80 0.20 -20.31
CA ALA B 159 21.43 -0.03 -20.73
C ALA B 159 20.62 1.27 -20.56
N MET B 160 20.86 1.95 -19.45
CA MET B 160 20.19 3.27 -19.25
C MET B 160 20.45 4.22 -20.42
N ASP B 161 21.68 4.27 -20.88
CA ASP B 161 22.01 5.11 -22.04
C ASP B 161 21.45 4.56 -23.34
N GLN B 162 21.25 3.25 -23.43
CA GLN B 162 20.73 2.66 -24.68
C GLN B 162 19.21 2.92 -24.86
N LEU B 163 18.49 2.96 -23.74
CA LEU B 163 17.02 3.01 -23.75
C LEU B 163 16.57 4.43 -24.04
N GLN B 164 15.79 4.63 -25.10
CA GLN B 164 15.50 5.99 -25.53
C GLN B 164 14.24 6.57 -24.93
N TYR B 165 13.31 5.73 -24.47
CA TYR B 165 12.11 6.26 -23.85
C TYR B 165 12.29 6.50 -22.35
N PRO B 166 11.97 7.72 -21.90
CA PRO B 166 12.10 8.07 -20.48
C PRO B 166 11.43 7.06 -19.53
N ASP B 167 10.26 6.56 -19.92
CA ASP B 167 9.54 5.58 -19.07
C ASP B 167 10.27 4.25 -18.90
N ASP B 168 10.98 3.81 -19.92
CA ASP B 168 11.77 2.59 -19.84
C ASP B 168 12.95 2.81 -18.89
N ARG B 169 13.56 3.97 -18.94
CA ARG B 169 14.60 4.34 -17.98
C ARG B 169 14.06 4.37 -16.53
N LYS B 170 12.84 4.83 -16.37
CA LYS B 170 12.24 4.89 -15.07
C LYS B 170 11.98 3.50 -14.53
N VAL B 171 11.53 2.62 -15.43
CA VAL B 171 11.37 1.23 -15.07
C VAL B 171 12.70 0.64 -14.67
N LEU B 172 13.78 0.92 -15.40
CA LEU B 172 15.09 0.31 -15.07
C LEU B 172 15.62 0.83 -13.73
N ARG B 173 15.40 2.10 -13.48
CA ARG B 173 15.73 2.64 -12.13
C ARG B 173 14.94 1.93 -11.01
N ARG B 174 13.68 1.55 -11.26
CA ARG B 174 12.96 0.76 -10.26
C ARG B 174 13.54 -0.58 -10.05
N PHE B 175 13.97 -1.19 -11.15
CA PHE B 175 14.60 -2.49 -11.14
C PHE B 175 15.80 -2.49 -10.18
N VAL B 176 16.67 -1.46 -10.27
CA VAL B 176 17.95 -1.53 -9.52
C VAL B 176 17.82 -1.12 -8.05
N LYS B 177 16.71 -0.48 -7.72
CA LYS B 177 16.46 0.05 -6.39
C LYS B 177 16.31 -1.03 -5.29
N ARG B 178 16.04 -2.28 -5.64
CA ARG B 178 15.88 -3.34 -4.67
C ARG B 178 16.46 -4.57 -5.31
N PRO B 179 16.71 -5.63 -4.51
CA PRO B 179 17.27 -6.88 -5.04
C PRO B 179 16.39 -7.44 -6.11
N VAL B 180 16.99 -8.13 -7.07
CA VAL B 180 16.21 -8.74 -8.12
C VAL B 180 16.29 -10.26 -8.10
N ASP B 181 17.25 -10.79 -7.36
CA ASP B 181 17.31 -12.23 -7.19
C ASP B 181 16.44 -12.56 -5.98
N THR B 182 15.15 -12.80 -6.22
CA THR B 182 14.16 -12.87 -5.15
C THR B 182 13.45 -14.18 -5.22
N LYS B 183 12.90 -14.60 -4.10
CA LYS B 183 12.04 -15.73 -4.11
C LYS B 183 10.63 -15.17 -3.93
N THR B 184 9.63 -15.99 -4.21
CA THR B 184 8.28 -15.50 -4.38
C THR B 184 7.31 -16.37 -3.63
N VAL B 185 6.50 -15.77 -2.78
CA VAL B 185 5.34 -16.42 -2.14
C VAL B 185 4.08 -15.88 -2.81
N LEU B 186 3.24 -16.76 -3.26
CA LEU B 186 2.05 -16.37 -4.01
C LEU B 186 0.85 -16.70 -3.16
N VAL B 187 0.22 -15.68 -2.61
CA VAL B 187 -0.97 -15.86 -1.79
C VAL B 187 -2.21 -15.62 -2.64
N VAL B 188 -3.07 -16.61 -2.75
CA VAL B 188 -4.20 -16.59 -3.65
C VAL B 188 -5.49 -16.67 -2.91
N ARG B 189 -6.46 -15.79 -3.20
CA ARG B 189 -7.77 -15.98 -2.65
C ARG B 189 -8.51 -16.98 -3.55
N HIS B 190 -9.21 -17.94 -2.93
CA HIS B 190 -9.92 -18.94 -3.72
C HIS B 190 -10.90 -18.28 -4.68
N GLY B 191 -11.17 -18.99 -5.78
CA GLY B 191 -12.12 -18.56 -6.84
C GLY B 191 -13.55 -18.50 -6.42
N THR B 192 -14.40 -17.93 -7.27
CA THR B 192 -15.79 -17.79 -6.94
C THR B 192 -16.46 -19.15 -6.64
N ALA B 193 -17.32 -19.16 -5.65
CA ALA B 193 -17.88 -20.42 -5.13
C ALA B 193 -19.31 -20.26 -4.71
N GLY B 194 -20.08 -19.58 -5.55
CA GLY B 194 -21.46 -19.28 -5.26
C GLY B 194 -21.69 -18.56 -3.94
N ARG B 195 -22.81 -18.87 -3.30
CA ARG B 195 -23.26 -18.16 -2.10
C ARG B 195 -23.48 -19.17 -0.98
N ARG B 196 -23.06 -18.81 0.24
CA ARG B 196 -23.33 -19.60 1.46
C ARG B 196 -24.83 -19.86 1.66
N SER B 197 -25.60 -18.78 1.57
CA SER B 197 -27.05 -18.78 1.71
C SER B 197 -27.73 -19.87 0.90
N ARG B 198 -27.19 -20.15 -0.29
CA ARG B 198 -27.83 -21.03 -1.25
C ARG B 198 -27.19 -22.43 -1.25
N TYR B 199 -26.16 -22.64 -0.44
CA TYR B 199 -25.54 -23.97 -0.34
C TYR B 199 -26.22 -24.78 0.77
N LYS B 200 -26.89 -25.86 0.36
CA LYS B 200 -27.42 -26.89 1.24
C LYS B 200 -26.26 -27.87 1.45
N GLY B 201 -25.70 -27.81 2.65
CA GLY B 201 -24.56 -28.64 3.02
C GLY B 201 -23.66 -27.90 3.97
N ASP B 202 -22.62 -28.59 4.38
CA ASP B 202 -21.62 -28.02 5.22
C ASP B 202 -20.87 -26.93 4.41
N ASP B 203 -20.93 -25.67 4.86
CA ASP B 203 -20.33 -24.58 4.08
C ASP B 203 -18.82 -24.75 3.80
N ARG B 204 -18.14 -25.51 4.66
CA ARG B 204 -16.74 -25.82 4.46
C ARG B 204 -16.49 -26.59 3.20
N LYS B 205 -17.51 -27.33 2.74
CA LYS B 205 -17.39 -28.12 1.55
C LYS B 205 -17.87 -27.43 0.29
N ARG B 206 -18.37 -26.21 0.40
CA ARG B 206 -18.90 -25.44 -0.74
C ARG B 206 -17.87 -25.35 -1.87
N PRO B 207 -18.21 -25.85 -3.09
CA PRO B 207 -17.18 -25.90 -4.12
C PRO B 207 -17.15 -24.62 -4.99
N LEU B 208 -16.14 -24.51 -5.81
CA LEU B 208 -16.10 -23.46 -6.84
C LEU B 208 -17.32 -23.60 -7.76
N ASP B 209 -17.85 -22.48 -8.22
CA ASP B 209 -18.87 -22.47 -9.24
C ASP B 209 -18.21 -22.51 -10.61
N LYS B 210 -19.00 -22.45 -11.68
CA LYS B 210 -18.47 -22.58 -13.03
C LYS B 210 -17.41 -21.50 -13.28
N ARG B 211 -17.76 -20.28 -12.89
CA ARG B 211 -16.83 -19.16 -13.07
C ARG B 211 -15.53 -19.43 -12.28
N GLY B 212 -15.66 -19.90 -11.05
CA GLY B 212 -14.46 -20.13 -10.26
C GLY B 212 -13.62 -21.24 -10.78
N ARG B 213 -14.24 -22.28 -11.35
CA ARG B 213 -13.47 -23.33 -12.04
C ARG B 213 -12.64 -22.79 -13.22
N ALA B 214 -13.24 -21.85 -13.94
CA ALA B 214 -12.55 -21.18 -15.05
C ALA B 214 -11.41 -20.27 -14.52
N GLN B 215 -11.69 -19.57 -13.39
CA GLN B 215 -10.62 -18.81 -12.71
C GLN B 215 -9.46 -19.76 -12.33
N ALA B 216 -9.79 -20.90 -11.74
CA ALA B 216 -8.73 -21.85 -11.35
C ALA B 216 -7.88 -22.27 -12.55
N GLU B 217 -8.54 -22.59 -13.68
CA GLU B 217 -7.73 -22.95 -14.87
C GLU B 217 -6.83 -21.80 -15.34
N ALA B 218 -7.40 -20.59 -15.34
CA ALA B 218 -6.69 -19.40 -15.83
C ALA B 218 -5.54 -19.02 -14.87
N LEU B 219 -5.64 -19.45 -13.62
CA LEU B 219 -4.56 -19.19 -12.70
C LEU B 219 -3.29 -19.98 -12.97
N VAL B 220 -3.37 -21.12 -13.69
CA VAL B 220 -2.13 -21.93 -13.87
C VAL B 220 -1.02 -21.17 -14.60
N ALA B 221 -1.37 -20.55 -15.75
CA ALA B 221 -0.37 -19.79 -16.51
C ALA B 221 0.18 -18.60 -15.69
N GLN B 222 -0.71 -17.99 -14.92
CA GLN B 222 -0.34 -16.82 -14.12
C GLN B 222 0.67 -17.15 -13.05
N LEU B 223 0.34 -18.14 -12.24
CA LEU B 223 1.21 -18.66 -11.21
C LEU B 223 2.47 -19.31 -11.76
N MET B 224 2.37 -19.93 -12.90
CA MET B 224 3.61 -20.50 -13.51
C MET B 224 4.56 -19.41 -13.98
N ALA B 225 4.00 -18.27 -14.40
CA ALA B 225 4.87 -17.14 -14.80
C ALA B 225 5.85 -16.75 -13.72
N PHE B 226 5.49 -16.94 -12.43
CA PHE B 226 6.36 -16.64 -11.29
C PHE B 226 7.18 -17.83 -10.74
N GLY B 227 7.16 -18.93 -11.48
CA GLY B 227 7.90 -20.14 -11.12
C GLY B 227 7.44 -20.77 -9.83
N ALA B 228 6.13 -20.86 -9.66
CA ALA B 228 5.55 -21.56 -8.52
C ALA B 228 6.09 -22.99 -8.49
N THR B 229 6.43 -23.48 -7.31
CA THR B 229 6.97 -24.88 -7.21
C THR B 229 6.18 -25.73 -6.26
N THR B 230 5.65 -25.16 -5.19
CA THR B 230 5.01 -25.97 -4.18
C THR B 230 3.65 -25.39 -3.79
N LEU B 231 2.71 -26.26 -3.43
CA LEU B 231 1.32 -25.86 -3.25
C LEU B 231 0.79 -26.10 -1.84
N TYR B 232 0.05 -25.12 -1.30
CA TYR B 232 -0.54 -25.21 0.01
C TYR B 232 -1.94 -24.64 -0.07
N ALA B 233 -2.88 -25.22 0.64
CA ALA B 233 -4.21 -24.61 0.78
C ALA B 233 -4.86 -24.80 2.12
N ALA B 234 -5.66 -23.81 2.50
CA ALA B 234 -6.41 -23.89 3.68
C ALA B 234 -7.38 -25.04 3.59
N ASP B 235 -7.83 -25.48 4.76
CA ASP B 235 -8.58 -26.75 4.88
C ASP B 235 -10.03 -26.53 4.50
N ARG B 236 -10.27 -26.09 3.24
CA ARG B 236 -11.64 -25.90 2.74
C ARG B 236 -11.66 -26.34 1.29
N VAL B 237 -12.74 -26.99 0.83
CA VAL B 237 -12.76 -27.54 -0.52
C VAL B 237 -12.35 -26.46 -1.56
N ARG B 238 -13.01 -25.31 -1.49
CA ARG B 238 -12.85 -24.26 -2.52
C ARG B 238 -11.43 -23.75 -2.62
N CYS B 239 -10.64 -23.83 -1.57
CA CYS B 239 -9.22 -23.40 -1.67
C CYS B 239 -8.40 -24.41 -2.40
N HIS B 240 -8.62 -25.70 -2.10
CA HIS B 240 -7.94 -26.80 -2.83
C HIS B 240 -8.33 -26.81 -4.33
N GLN B 241 -9.58 -26.62 -4.64
CA GLN B 241 -10.03 -26.68 -6.06
C GLN B 241 -9.42 -25.53 -6.88
N THR B 242 -9.21 -24.41 -6.21
CA THR B 242 -8.60 -23.27 -6.86
C THR B 242 -7.23 -23.59 -7.39
N ILE B 243 -6.46 -24.39 -6.67
CA ILE B 243 -5.13 -24.68 -7.17
C ILE B 243 -4.93 -26.11 -7.65
N GLU B 244 -5.99 -26.88 -7.82
N GLU B 244 -6.02 -26.87 -7.71
CA GLU B 244 -5.90 -28.26 -8.35
CA GLU B 244 -6.03 -28.23 -8.28
C GLU B 244 -5.56 -28.35 -9.85
C GLU B 244 -5.44 -28.21 -9.73
N PRO B 245 -5.96 -27.35 -10.64
CA PRO B 245 -5.42 -27.34 -12.02
C PRO B 245 -3.91 -27.08 -12.04
N LEU B 246 -3.47 -26.17 -11.18
CA LEU B 246 -2.04 -25.97 -11.02
C LEU B 246 -1.31 -27.20 -10.51
N ALA B 247 -1.93 -27.89 -9.58
CA ALA B 247 -1.33 -29.10 -8.98
C ALA B 247 -1.08 -30.16 -10.07
N GLN B 248 -2.06 -30.32 -10.95
CA GLN B 248 -1.97 -31.26 -12.08
C GLN B 248 -0.80 -30.88 -12.95
N GLU B 249 -0.77 -29.61 -13.36
CA GLU B 249 0.29 -29.08 -14.18
C GLU B 249 1.68 -29.31 -13.60
N LEU B 250 1.86 -29.12 -12.31
CA LEU B 250 3.16 -29.38 -11.65
C LEU B 250 3.37 -30.84 -11.19
N ASP B 251 2.34 -31.66 -11.36
CA ASP B 251 2.25 -32.99 -10.71
C ASP B 251 2.68 -32.89 -9.26
N GLN B 252 2.05 -31.98 -8.52
CA GLN B 252 2.41 -31.78 -7.11
C GLN B 252 1.21 -31.99 -6.23
N LEU B 253 1.49 -32.27 -4.99
CA LEU B 253 0.42 -32.50 -4.06
C LEU B 253 0.11 -31.14 -3.40
N ILE B 254 -1.13 -30.92 -3.03
CA ILE B 254 -1.47 -29.71 -2.25
C ILE B 254 -1.36 -30.00 -0.76
N HIS B 255 -0.48 -29.35 -0.04
CA HIS B 255 -0.44 -29.55 1.40
C HIS B 255 -1.66 -28.87 2.04
N ASN B 256 -2.30 -29.55 2.99
CA ASN B 256 -3.45 -28.98 3.69
C ASN B 256 -3.03 -28.14 4.87
N GLU B 257 -3.71 -27.00 5.10
CA GLU B 257 -3.31 -26.05 6.14
C GLU B 257 -4.47 -25.62 6.99
N PRO B 258 -4.79 -26.42 8.02
CA PRO B 258 -5.89 -26.09 8.90
C PRO B 258 -5.67 -24.81 9.68
N LEU B 259 -4.41 -24.42 9.88
CA LEU B 259 -4.14 -23.23 10.64
C LEU B 259 -4.49 -21.98 9.87
N LEU B 260 -4.73 -22.10 8.56
CA LEU B 260 -4.96 -20.92 7.72
C LEU B 260 -6.42 -20.70 7.28
N THR B 261 -7.35 -21.41 7.91
CA THR B 261 -8.75 -21.13 7.62
C THR B 261 -9.19 -19.87 8.33
N GLU B 262 -10.33 -19.33 7.95
CA GLU B 262 -10.85 -18.13 8.58
C GLU B 262 -11.10 -18.40 10.06
N GLU B 263 -11.57 -19.61 10.35
CA GLU B 263 -11.85 -20.01 11.76
C GLU B 263 -10.62 -20.12 12.58
N ALA B 264 -9.64 -20.84 12.05
CA ALA B 264 -8.40 -21.01 12.79
C ALA B 264 -7.69 -19.67 13.08
N TYR B 265 -7.65 -18.81 12.06
CA TYR B 265 -6.94 -17.55 12.15
C TYR B 265 -7.65 -16.66 13.16
N ALA B 266 -8.98 -16.70 13.15
CA ALA B 266 -9.81 -15.90 14.04
C ALA B 266 -9.53 -16.14 15.51
N ALA B 267 -9.09 -17.33 15.83
CA ALA B 267 -8.83 -17.76 17.19
C ALA B 267 -7.34 -17.74 17.54
N ASP B 268 -6.46 -17.92 16.55
CA ASP B 268 -5.04 -17.76 16.77
C ASP B 268 -4.37 -17.20 15.49
N HIS B 269 -4.38 -15.89 15.35
CA HIS B 269 -3.72 -15.28 14.19
C HIS B 269 -2.22 -15.46 14.22
N LYS B 270 -1.58 -15.48 15.41
CA LYS B 270 -0.13 -15.64 15.47
C LYS B 270 0.33 -17.01 15.00
N ALA B 271 -0.47 -18.04 15.25
CA ALA B 271 -0.08 -19.37 14.78
C ALA B 271 -0.03 -19.41 13.24
N ALA B 272 -0.99 -18.72 12.66
CA ALA B 272 -1.12 -18.58 11.22
C ALA B 272 0.06 -17.78 10.64
N ARG B 273 0.38 -16.64 11.24
CA ARG B 273 1.58 -15.88 10.82
C ARG B 273 2.83 -16.76 10.85
N LYS B 274 2.98 -17.49 11.95
CA LYS B 274 4.09 -18.40 12.14
C LYS B 274 4.17 -19.47 11.08
N ARG B 275 3.03 -20.05 10.74
CA ARG B 275 2.96 -21.04 9.67
C ARG B 275 3.35 -20.45 8.31
N LEU B 276 2.89 -19.24 8.07
CA LEU B 276 3.19 -18.58 6.80
C LEU B 276 4.70 -18.40 6.61
N LEU B 277 5.39 -17.91 7.64
CA LEU B 277 6.86 -17.75 7.60
C LEU B 277 7.59 -19.07 7.49
N GLU B 278 7.04 -20.06 8.18
CA GLU B 278 7.51 -21.40 8.03
C GLU B 278 7.45 -21.80 6.57
N ILE B 279 6.28 -21.68 5.97
CA ILE B 279 6.12 -22.07 4.56
C ILE B 279 7.05 -21.27 3.66
N ALA B 280 7.09 -19.98 3.92
CA ALA B 280 7.94 -19.05 3.15
C ALA B 280 9.42 -19.42 3.23
N GLY B 281 9.85 -19.98 4.37
CA GLY B 281 11.25 -20.30 4.64
C GLY B 281 11.80 -21.50 3.86
N ARG B 282 10.90 -22.37 3.41
CA ARG B 282 11.30 -23.58 2.72
C ARG B 282 11.80 -23.30 1.30
N PRO B 283 12.62 -24.20 0.75
CA PRO B 283 13.09 -23.90 -0.61
C PRO B 283 11.91 -23.92 -1.57
N GLY B 284 12.03 -23.12 -2.63
CA GLY B 284 11.03 -23.02 -3.69
C GLY B 284 10.14 -21.78 -3.57
N ASN B 285 9.22 -21.66 -4.52
CA ASN B 285 8.21 -20.54 -4.49
C ASN B 285 6.83 -21.10 -4.21
N PRO B 286 6.34 -20.93 -3.00
CA PRO B 286 5.10 -21.59 -2.66
C PRO B 286 3.87 -20.78 -3.03
N VAL B 287 2.78 -21.47 -3.32
CA VAL B 287 1.45 -20.90 -3.55
C VAL B 287 0.65 -21.27 -2.35
N ILE B 288 -0.01 -20.29 -1.73
CA ILE B 288 -0.87 -20.53 -0.61
C ILE B 288 -2.28 -20.01 -0.88
N CYS B 289 -3.22 -20.91 -1.09
CA CYS B 289 -4.61 -20.50 -1.36
C CYS B 289 -5.43 -20.51 -0.12
N THR B 290 -6.05 -19.35 0.21
CA THR B 290 -6.85 -19.21 1.41
C THR B 290 -8.13 -18.37 1.20
N GLN B 291 -8.78 -18.05 2.29
CA GLN B 291 -10.02 -17.31 2.28
C GLN B 291 -9.79 -15.82 2.50
N GLY B 292 -10.83 -15.08 2.22
CA GLY B 292 -10.79 -13.62 2.21
C GLY B 292 -10.40 -13.00 3.54
N LYS B 293 -10.91 -13.52 4.64
CA LYS B 293 -10.63 -12.88 5.97
C LYS B 293 -9.24 -13.04 6.52
N VAL B 294 -8.49 -13.98 5.99
CA VAL B 294 -7.15 -14.25 6.41
C VAL B 294 -6.13 -13.39 5.66
N ILE B 295 -6.44 -13.09 4.40
CA ILE B 295 -5.37 -12.46 3.55
C ILE B 295 -4.97 -11.04 3.97
N PRO B 296 -5.95 -10.16 4.19
CA PRO B 296 -5.63 -8.79 4.49
C PRO B 296 -4.80 -8.67 5.72
N GLY B 297 -5.13 -9.46 6.73
CA GLY B 297 -4.36 -9.44 7.96
C GLY B 297 -2.95 -9.90 7.79
N LEU B 298 -2.78 -11.01 7.08
CA LEU B 298 -1.46 -11.47 6.81
C LEU B 298 -0.64 -10.50 5.92
N ILE B 299 -1.25 -9.93 4.87
CA ILE B 299 -0.53 -9.01 3.98
C ILE B 299 -0.14 -7.72 4.74
N GLU B 300 -1.05 -7.10 5.45
CA GLU B 300 -0.70 -5.85 6.16
C GLU B 300 0.38 -6.05 7.21
N TRP B 301 0.29 -7.18 7.90
CA TRP B 301 1.29 -7.53 8.91
C TRP B 301 2.68 -7.58 8.28
N TRP B 302 2.81 -8.39 7.24
CA TRP B 302 4.11 -8.53 6.61
C TRP B 302 4.60 -7.19 5.96
N CYS B 303 3.71 -6.44 5.32
CA CYS B 303 4.09 -5.19 4.69
C CYS B 303 4.61 -4.16 5.71
N GLU B 304 3.89 -3.91 6.79
CA GLU B 304 4.34 -2.85 7.69
C GLU B 304 5.60 -3.30 8.45
N ARG B 305 5.70 -4.59 8.79
CA ARG B 305 6.97 -5.12 9.28
C ARG B 305 8.09 -4.56 8.43
N ALA B 306 7.99 -4.77 7.11
CA ALA B 306 9.08 -4.50 6.18
C ALA B 306 9.05 -3.12 5.52
N LYS B 307 8.07 -2.28 5.83
CA LYS B 307 7.90 -0.98 5.15
C LYS B 307 7.73 -1.13 3.63
N VAL B 308 6.95 -2.13 3.23
CA VAL B 308 6.68 -2.39 1.83
C VAL B 308 5.30 -1.88 1.59
N ARG B 309 5.11 -1.11 0.51
CA ARG B 309 3.80 -0.54 0.19
C ARG B 309 3.18 -1.21 -1.00
N PRO B 310 1.92 -1.60 -0.90
CA PRO B 310 1.25 -2.13 -2.11
C PRO B 310 0.89 -1.01 -3.11
N GLU B 311 1.49 -1.00 -4.31
CA GLU B 311 1.02 -0.06 -5.31
C GLU B 311 -0.47 -0.23 -5.67
N THR B 312 -0.90 -1.49 -5.83
CA THR B 312 -2.24 -1.88 -6.03
C THR B 312 -2.67 -2.70 -4.83
N THR B 313 -3.95 -2.84 -4.67
CA THR B 313 -4.44 -3.56 -3.54
C THR B 313 -5.85 -4.05 -3.78
N GLY B 314 -6.18 -5.13 -3.08
CA GLY B 314 -7.47 -5.76 -3.23
C GLY B 314 -7.53 -7.05 -2.45
N ASN B 315 -8.69 -7.70 -2.56
CA ASN B 315 -8.81 -9.03 -1.93
C ASN B 315 -9.91 -9.82 -2.62
N ARG B 316 -10.04 -9.69 -3.93
CA ARG B 316 -11.16 -10.31 -4.63
C ARG B 316 -10.91 -11.83 -4.82
N LYS B 317 -12.02 -12.55 -4.94
CA LYS B 317 -11.89 -14.00 -5.21
C LYS B 317 -11.11 -14.24 -6.49
N GLY B 318 -10.10 -15.09 -6.40
CA GLY B 318 -9.23 -15.39 -7.54
C GLY B 318 -8.05 -14.45 -7.74
N SER B 319 -7.86 -13.49 -6.83
CA SER B 319 -6.74 -12.56 -6.83
C SER B 319 -5.51 -13.17 -6.23
N THR B 320 -4.39 -12.55 -6.51
CA THR B 320 -3.08 -13.05 -6.08
C THR B 320 -2.26 -11.94 -5.52
N TRP B 321 -1.64 -12.15 -4.36
CA TRP B 321 -0.59 -11.30 -3.91
C TRP B 321 0.75 -11.96 -4.15
N VAL B 322 1.60 -11.29 -4.93
CA VAL B 322 2.99 -11.73 -5.18
C VAL B 322 3.90 -11.06 -4.16
N LEU B 323 4.42 -11.86 -3.22
CA LEU B 323 5.33 -11.33 -2.20
C LEU B 323 6.74 -11.75 -2.55
N SER B 324 7.60 -10.76 -2.80
CA SER B 324 8.97 -11.00 -3.24
C SER B 324 9.88 -10.90 -2.03
N LEU B 325 10.70 -11.90 -1.80
CA LEU B 325 11.65 -11.91 -0.65
C LEU B 325 13.09 -12.04 -1.12
N SER B 326 13.98 -11.38 -0.38
CA SER B 326 15.42 -11.45 -0.62
C SER B 326 16.01 -11.71 0.74
N ASP B 327 16.74 -12.80 0.87
CA ASP B 327 17.33 -13.16 2.15
C ASP B 327 16.26 -13.17 3.22
N GLY B 328 15.11 -13.75 2.89
CA GLY B 328 14.00 -13.83 3.84
C GLY B 328 13.32 -12.52 4.19
N GLU B 329 13.70 -11.39 3.60
CA GLU B 329 13.03 -10.13 3.92
C GLU B 329 12.12 -9.69 2.75
N LEU B 330 10.93 -9.20 3.10
CA LEU B 330 9.94 -8.77 2.10
C LEU B 330 10.44 -7.52 1.35
N VAL B 331 10.53 -7.63 0.01
CA VAL B 331 10.97 -6.49 -0.81
C VAL B 331 9.92 -6.04 -1.86
N GLY B 332 8.78 -6.75 -1.92
CA GLY B 332 7.66 -6.33 -2.79
C GLY B 332 6.40 -7.09 -2.40
N ALA B 333 5.26 -6.45 -2.62
CA ALA B 333 3.95 -7.01 -2.42
C ALA B 333 3.05 -6.46 -3.53
N ASP B 334 2.82 -7.30 -4.54
CA ASP B 334 2.14 -6.89 -5.74
C ASP B 334 0.77 -7.56 -5.87
N TYR B 335 -0.29 -6.80 -5.86
CA TYR B 335 -1.61 -7.36 -5.94
C TYR B 335 -2.04 -7.49 -7.38
N LEU B 336 -2.43 -8.72 -7.75
CA LEU B 336 -2.97 -9.01 -9.12
C LEU B 336 -4.43 -9.29 -9.05
N SER B 337 -5.17 -8.69 -9.96
N SER B 337 -5.20 -8.67 -9.92
CA SER B 337 -6.60 -8.86 -10.01
CA SER B 337 -6.62 -8.86 -9.92
C SER B 337 -6.93 -10.31 -10.37
C SER B 337 -6.93 -10.29 -10.32
N PRO B 338 -8.17 -10.74 -10.09
CA PRO B 338 -8.62 -12.06 -10.53
C PRO B 338 -8.50 -12.17 -12.04
N PRO B 339 -8.15 -13.36 -12.53
CA PRO B 339 -7.76 -13.47 -13.92
C PRO B 339 -8.85 -13.12 -14.93
N ASP B 340 -10.11 -13.08 -14.51
CA ASP B 340 -11.19 -12.63 -15.41
C ASP B 340 -11.77 -11.23 -15.13
N GLU B 341 -11.03 -10.36 -14.43
CA GLU B 341 -11.38 -8.95 -14.18
C GLU B 341 -10.11 -8.17 -14.60
N LYS B 342 -10.09 -6.83 -14.60
CA LYS B 342 -8.88 -6.08 -15.14
C LYS B 342 -7.77 -5.69 -14.14
PG ATP C . 10.34 19.77 24.20
O1G ATP C . 10.34 18.25 24.39
O2G ATP C . 9.02 20.52 24.22
O3G ATP C . 11.22 20.32 23.09
PB ATP C . 11.29 21.59 26.33
O1B ATP C . 12.36 21.41 27.35
O2B ATP C . 11.31 22.71 25.33
O3B ATP C . 11.15 20.18 25.56
PA ATP C . 9.02 20.91 28.09
O1A ATP C . 9.33 19.44 28.04
O2A ATP C . 7.64 21.46 27.74
O3A ATP C . 9.83 21.78 27.06
O5' ATP C . 9.38 21.41 29.57
C5' ATP C . 9.14 22.80 29.89
C4' ATP C . 8.78 22.85 31.40
O4' ATP C . 7.54 22.16 31.62
C3' ATP C . 9.75 22.15 32.35
O3' ATP C . 9.66 22.75 33.66
C2' ATP C . 9.19 20.77 32.51
O2' ATP C . 9.51 20.07 33.70
C1' ATP C . 7.70 21.02 32.45
N9 ATP C . 6.91 19.99 31.74
C8 ATP C . 7.32 19.23 30.71
N7 ATP C . 6.37 18.38 30.28
C5 ATP C . 5.28 18.66 31.05
C6 ATP C . 3.91 18.17 31.09
N6 ATP C . 3.55 17.19 30.21
N1 ATP C . 3.11 18.69 32.04
C2 ATP C . 3.51 19.66 32.92
N3 ATP C . 4.75 20.20 32.93
C4 ATP C . 5.64 19.73 32.03
P PO4 D . 15.30 21.26 22.13
O1 PO4 D . 13.96 20.55 22.28
O2 PO4 D . 15.83 20.83 20.77
O3 PO4 D . 16.31 20.75 23.13
O4 PO4 D . 15.00 22.70 22.10
C1 GOL E . -3.98 19.32 15.29
O1 GOL E . -4.26 18.25 14.38
C2 GOL E . -4.40 20.66 14.66
O2 GOL E . -4.80 20.59 13.24
C3 GOL E . -5.61 21.07 15.45
O3 GOL E . -6.23 22.24 14.92
C1 GOL F . -5.23 12.71 -15.01
O1 GOL F . -4.56 13.77 -14.28
C2 GOL F . -6.64 12.35 -14.49
O2 GOL F . -7.33 11.59 -15.46
C3 GOL F . -7.48 13.60 -14.21
O3 GOL F . -8.90 13.40 -14.37
C1 GOL G . 5.24 27.46 14.68
O1 GOL G . 6.53 26.84 14.73
C2 GOL G . 4.82 27.39 13.21
O2 GOL G . 5.91 27.88 12.40
C3 GOL G . 4.47 25.93 12.86
O3 GOL G . 4.87 25.59 11.53
C1 GOL H . -16.87 20.26 6.98
O1 GOL H . -17.98 21.05 6.53
C2 GOL H . -17.07 18.77 6.74
O2 GOL H . -17.75 18.14 7.86
C3 GOL H . -15.77 18.01 6.39
O3 GOL H . -14.83 18.61 5.45
MG MG I . 11.04 16.77 23.38
MG MG J . 12.88 16.68 20.89
MG MG K . 12.63 19.61 18.76
MG MG L . 12.43 19.58 21.74
F F M . 11.70 17.79 21.95
F F N . 13.38 18.55 20.29
F F O . 11.62 20.39 20.24
CL CL P . -11.80 24.39 -7.15
CL CL Q . -18.41 2.30 10.99
CL CL R . -10.47 26.42 1.24
PG ATP S . 3.84 -3.67 -28.77
O1G ATP S . 5.21 -4.11 -28.39
O2G ATP S . 2.93 -3.00 -27.68
O3G ATP S . 3.05 -4.73 -29.47
PB ATP S . 3.36 -1.56 -30.82
O1B ATP S . 4.24 -1.48 -32.04
O2B ATP S . 1.93 -1.98 -30.97
O3B ATP S . 4.21 -2.63 -29.96
PA ATP S . 4.42 0.58 -29.06
O1A ATP S . 5.70 -0.19 -28.91
O2A ATP S . 3.56 1.00 -27.90
O3A ATP S . 3.32 -0.22 -29.95
O5' ATP S . 4.71 1.90 -29.94
C5' ATP S . 3.67 2.84 -30.31
C4' ATP S . 4.16 4.27 -30.40
O4' ATP S . 4.58 4.71 -29.10
C3' ATP S . 5.36 4.57 -31.26
O3' ATP S . 5.29 5.95 -31.64
C2' ATP S . 6.53 4.37 -30.34
O2' ATP S . 7.69 5.13 -30.58
C1' ATP S . 5.97 4.91 -29.03
N9 ATP S . 6.51 4.21 -27.83
C8 ATP S . 6.87 2.91 -27.71
N7 ATP S . 7.25 2.65 -26.43
C5 ATP S . 7.15 3.82 -25.74
C6 ATP S . 7.43 4.26 -24.38
N6 ATP S . 7.90 3.35 -23.51
N1 ATP S . 7.19 5.54 -24.03
C2 ATP S . 6.74 6.43 -24.91
N3 ATP S . 6.46 6.11 -26.20
C4 ATP S . 6.67 4.85 -26.66
C1 GOL T . -1.84 -5.48 -12.68
O1 GOL T . -0.59 -6.12 -12.20
C2 GOL T . -3.18 -5.53 -11.87
O2 GOL T . -3.78 -6.83 -11.73
C3 GOL T . -3.15 -4.78 -10.53
O3 GOL T . -4.44 -4.76 -9.86
C1 GOL U . -10.84 -30.37 1.95
O1 GOL U . -10.36 -29.56 3.05
C2 GOL U . -9.76 -30.94 1.01
O2 GOL U . -8.97 -31.95 1.64
C3 GOL U . -10.44 -31.57 -0.19
O3 GOL U . -10.18 -30.84 -1.40
C1 GOL V . 8.82 -8.63 -39.65
O1 GOL V . 7.75 -8.98 -38.79
C2 GOL V . 9.29 -9.90 -40.36
O2 GOL V . 10.52 -9.65 -41.06
C3 GOL V . 8.22 -10.33 -41.33
O3 GOL V . 8.52 -11.64 -41.82
MG MG W . 6.33 -5.69 -28.34
MG MG X . 5.51 -8.62 -29.28
MG MG Y . 2.09 -9.43 -29.12
MG MG Z . 3.14 -6.62 -29.92
F F AA . 4.91 -6.72 -28.95
F F BA . 3.67 -8.75 -30.05
F F CA . 1.96 -7.44 -28.70
CL CL DA . -16.90 -17.52 -0.38
CL CL EA . -13.56 -20.97 7.99
CL CL FA . -12.87 -27.00 10.40
CL CL GA . -14.67 -11.12 -4.78
#